data_6VBJ
#
_entry.id   6VBJ
#
_cell.length_a   74.430
_cell.length_b   85.420
_cell.length_c   95.390
_cell.angle_alpha   90.000
_cell.angle_beta   90.000
_cell.angle_gamma   90.000
#
_symmetry.space_group_name_H-M   'P 21 21 21'
#
loop_
_entity.id
_entity.type
_entity.pdbx_description
1 polymer 'Phosphoenolpyruvate-protein phosphotransferase'
2 water water
#
_entity_poly.entity_id   1
_entity_poly.type   'polypeptide(L)'
_entity_poly.pdbx_seq_one_letter_code
;MAETPDGKKVMLAANIGTVRDVASALANGAEGVGLFRTEFLFMDRDALPTEEEQFEAYKEVVEKMGGRPVTIRTMDIGGD
KELPYMNFPKEENPFLGWRAIRLCLDRPDIFKTQLRAILRASAYGNVQIMYPMISSVEEVRKANSILEEVKAELDREGVK
YDKEIKVGIMVEIPSAAVTADILAKEVDFFSIGTNDLTQYTLAVDRGNDMISHLYQPMSPAILRLVKMVIDAAHKEGKFA
AMCGEMAGDPLAAVILLGLGLDEFSMSATSIPEIKNIIRNVEYEKAKEIAEKALNMSEAREIEKMMKDVIKDIG
;
_entity_poly.pdbx_strand_id   A,B
#
# COMPACT_ATOMS: atom_id res chain seq x y z
N MET A 1 -0.71 -29.53 21.20
CA MET A 1 -0.12 -28.39 20.45
C MET A 1 -0.76 -28.27 19.07
N ALA A 2 -0.49 -27.14 18.40
CA ALA A 2 -1.08 -26.86 17.09
C ALA A 2 -0.27 -27.59 16.02
N GLU A 3 -0.73 -28.78 15.66
CA GLU A 3 -0.10 -29.59 14.63
C GLU A 3 -1.18 -30.27 13.82
N THR A 4 -1.09 -30.16 12.50
CA THR A 4 -2.11 -30.73 11.63
C THR A 4 -2.10 -32.24 11.75
N PRO A 5 -3.18 -32.90 11.33
CA PRO A 5 -3.19 -34.37 11.34
C PRO A 5 -2.03 -35.00 10.59
N ASP A 6 -1.56 -34.36 9.52
CA ASP A 6 -0.48 -34.92 8.70
C ASP A 6 0.90 -34.43 9.13
N GLY A 7 1.01 -33.72 10.24
CA GLY A 7 2.28 -33.47 10.87
C GLY A 7 2.86 -32.08 10.72
N LYS A 8 2.11 -31.12 10.20
CA LYS A 8 2.61 -29.75 10.06
C LYS A 8 2.44 -29.02 11.38
N LYS A 9 3.56 -28.58 11.97
CA LYS A 9 3.55 -27.87 13.24
C LYS A 9 3.58 -26.36 12.99
N VAL A 10 2.75 -25.64 13.76
CA VAL A 10 2.80 -24.19 13.80
C VAL A 10 2.88 -23.77 15.26
N MET A 11 3.24 -22.50 15.48
CA MET A 11 3.35 -21.93 16.81
C MET A 11 2.21 -20.94 17.02
N LEU A 12 1.56 -21.03 18.18
CA LEU A 12 0.51 -20.09 18.58
C LEU A 12 1.03 -19.26 19.73
N ALA A 13 1.06 -17.95 19.54
CA ALA A 13 1.56 -17.01 20.53
C ALA A 13 0.45 -16.02 20.89
N ALA A 14 0.75 -15.15 21.84
CA ALA A 14 -0.24 -14.23 22.40
C ALA A 14 0.20 -12.78 22.21
N ASN A 15 -0.76 -11.93 21.90
CA ASN A 15 -0.57 -10.48 21.92
C ASN A 15 -0.94 -9.96 23.30
N ILE A 16 -0.07 -9.12 23.87
CA ILE A 16 -0.32 -8.53 25.17
C ILE A 16 -0.05 -7.03 25.11
N GLY A 17 -0.65 -6.31 26.06
CA GLY A 17 -0.48 -4.89 26.16
C GLY A 17 -0.14 -4.42 27.56
N THR A 18 0.02 -5.37 28.47
CA THR A 18 0.40 -5.04 29.85
C THR A 18 1.05 -6.26 30.48
N VAL A 19 1.76 -6.01 31.59
CA VAL A 19 2.46 -7.08 32.29
C VAL A 19 1.48 -8.14 32.77
N ARG A 20 0.26 -7.73 33.15
CA ARG A 20 -0.72 -8.64 33.73
C ARG A 20 -1.14 -9.73 32.76
N ASP A 21 -1.07 -9.45 31.46
CA ASP A 21 -1.71 -10.31 30.46
C ASP A 21 -1.08 -11.70 30.36
N VAL A 22 0.11 -11.90 30.91
CA VAL A 22 0.81 -13.17 30.73
C VAL A 22 -0.04 -14.33 31.26
N ALA A 23 -0.74 -14.12 32.37
CA ALA A 23 -1.50 -15.20 33.00
C ALA A 23 -2.48 -15.82 32.00
N SER A 24 -3.30 -14.99 31.36
CA SER A 24 -4.27 -15.50 30.40
C SER A 24 -3.58 -16.16 29.21
N ALA A 25 -2.45 -15.58 28.77
CA ALA A 25 -1.75 -16.12 27.62
C ALA A 25 -1.33 -17.57 27.85
N LEU A 26 -0.68 -17.84 28.98
CA LEU A 26 -0.26 -19.20 29.28
C LEU A 26 -1.46 -20.11 29.50
N ALA A 27 -2.44 -19.64 30.28
CA ALA A 27 -3.62 -20.46 30.57
C ALA A 27 -4.32 -20.89 29.29
N ASN A 28 -4.16 -20.13 28.20
CA ASN A 28 -4.79 -20.46 26.93
C ASN A 28 -3.83 -21.17 25.97
N GLY A 29 -2.65 -21.56 26.43
CA GLY A 29 -1.75 -22.37 25.64
C GLY A 29 -0.73 -21.62 24.84
N ALA A 30 -0.49 -20.34 25.14
CA ALA A 30 0.45 -19.54 24.36
C ALA A 30 1.85 -20.10 24.50
N GLU A 31 2.48 -20.38 23.37
CA GLU A 31 3.86 -20.83 23.33
C GLU A 31 4.84 -19.66 23.38
N GLY A 32 4.35 -18.45 23.56
CA GLY A 32 5.18 -17.27 23.58
C GLY A 32 4.33 -16.03 23.42
N VAL A 33 5.01 -14.89 23.43
CA VAL A 33 4.38 -13.60 23.20
C VAL A 33 4.87 -13.11 21.84
N GLY A 34 3.99 -13.15 20.84
CA GLY A 34 4.34 -12.68 19.52
C GLY A 34 4.25 -11.19 19.35
N LEU A 35 3.54 -10.50 20.25
CA LEU A 35 3.45 -9.05 20.21
C LEU A 35 3.24 -8.55 21.62
N PHE A 36 4.27 -7.91 22.19
CA PHE A 36 4.16 -7.17 23.44
C PHE A 36 4.10 -5.69 23.08
N ARG A 37 2.90 -5.13 23.07
CA ARG A 37 2.72 -3.71 22.84
C ARG A 37 3.25 -2.93 24.04
N THR A 38 4.14 -1.97 23.80
CA THR A 38 4.76 -1.21 24.87
C THR A 38 4.12 0.17 25.07
N GLU A 39 2.98 0.43 24.43
CA GLU A 39 2.37 1.75 24.53
C GLU A 39 1.85 2.02 25.94
N PHE A 40 1.48 0.98 26.68
CA PHE A 40 1.01 1.19 28.05
C PHE A 40 2.04 1.93 28.90
N LEU A 41 3.33 1.84 28.54
CA LEU A 41 4.38 2.51 29.29
C LEU A 41 4.48 4.00 28.97
N PHE A 42 3.90 4.45 27.86
CA PHE A 42 4.00 5.83 27.43
C PHE A 42 2.72 6.64 27.60
N MET A 43 1.56 5.99 27.64
CA MET A 43 0.29 6.69 27.66
C MET A 43 -0.13 7.04 29.08
N ASP A 44 -0.98 8.07 29.18
CA ASP A 44 -1.59 8.47 30.44
C ASP A 44 -0.55 8.68 31.53
N ARG A 45 0.47 9.45 31.19
CA ARG A 45 1.53 9.84 32.12
C ARG A 45 2.08 11.17 31.64
N ASP A 46 2.80 11.85 32.54
CA ASP A 46 3.28 13.20 32.26
C ASP A 46 4.77 13.27 31.94
N ALA A 47 5.50 12.16 32.06
CA ALA A 47 6.89 12.12 31.61
C ALA A 47 7.19 10.77 30.97
N LEU A 48 8.27 10.74 30.19
CA LEU A 48 8.68 9.52 29.51
C LEU A 48 8.91 8.40 30.51
N PRO A 49 8.65 7.15 30.13
CA PRO A 49 8.96 6.03 31.03
C PRO A 49 10.46 5.83 31.14
N THR A 50 10.94 5.75 32.39
CA THR A 50 12.36 5.56 32.63
C THR A 50 12.80 4.18 32.15
N GLU A 51 14.11 4.04 31.94
CA GLU A 51 14.67 2.73 31.58
C GLU A 51 14.30 1.67 32.60
N GLU A 52 14.42 2.01 33.90
CA GLU A 52 14.22 1.00 34.93
C GLU A 52 12.76 0.55 34.99
N GLU A 53 11.82 1.49 34.84
CA GLU A 53 10.41 1.11 34.84
C GLU A 53 10.11 0.20 33.66
N GLN A 54 10.59 0.57 32.47
CA GLN A 54 10.45 -0.31 31.31
C GLN A 54 11.12 -1.65 31.58
N PHE A 55 12.34 -1.63 32.10
CA PHE A 55 13.09 -2.87 32.34
C PHE A 55 12.31 -3.80 33.25
N GLU A 56 11.79 -3.27 34.37
CA GLU A 56 11.05 -4.10 35.30
C GLU A 56 9.84 -4.75 34.62
N ALA A 57 9.12 -3.98 33.80
CA ALA A 57 7.97 -4.54 33.10
C ALA A 57 8.40 -5.64 32.13
N TYR A 58 9.36 -5.35 31.27
CA TYR A 58 9.85 -6.37 30.34
C TYR A 58 10.39 -7.58 31.10
N LYS A 59 11.17 -7.33 32.15
CA LYS A 59 11.76 -8.42 32.92
C LYS A 59 10.70 -9.37 33.46
N GLU A 60 9.67 -8.82 34.11
CA GLU A 60 8.64 -9.66 34.72
C GLU A 60 7.96 -10.55 33.68
N VAL A 61 7.60 -9.97 32.53
CA VAL A 61 6.95 -10.75 31.49
C VAL A 61 7.90 -11.83 30.97
N VAL A 62 9.16 -11.47 30.72
CA VAL A 62 10.12 -12.41 30.18
C VAL A 62 10.31 -13.59 31.13
N GLU A 63 10.37 -13.31 32.44
CA GLU A 63 10.59 -14.39 33.41
C GLU A 63 9.35 -15.27 33.53
N LYS A 64 8.16 -14.64 33.58
CA LYS A 64 6.94 -15.41 33.77
C LYS A 64 6.62 -16.30 32.57
N MET A 65 7.12 -15.98 31.39
CA MET A 65 6.95 -16.85 30.23
C MET A 65 7.94 -17.99 30.21
N GLY A 66 8.84 -18.07 31.20
CA GLY A 66 9.69 -19.21 31.40
C GLY A 66 10.44 -19.71 30.19
N GLY A 67 11.23 -18.84 29.57
CA GLY A 67 12.03 -19.23 28.42
C GLY A 67 11.32 -19.17 27.09
N ARG A 68 9.99 -19.05 27.07
CA ARG A 68 9.28 -18.87 25.83
C ARG A 68 9.61 -17.50 25.24
N PRO A 69 9.64 -17.38 23.92
CA PRO A 69 10.07 -16.12 23.30
C PRO A 69 9.06 -15.00 23.53
N VAL A 70 9.58 -13.83 23.86
CA VAL A 70 8.79 -12.62 24.08
C VAL A 70 9.25 -11.57 23.08
N THR A 71 8.42 -11.31 22.08
CA THR A 71 8.72 -10.32 21.05
C THR A 71 8.20 -8.97 21.51
N ILE A 72 9.12 -8.08 21.88
CA ILE A 72 8.76 -6.75 22.38
C ILE A 72 8.85 -5.77 21.22
N ARG A 73 7.75 -5.07 20.96
CA ARG A 73 7.70 -4.07 19.91
C ARG A 73 8.03 -2.70 20.50
N THR A 74 8.97 -2.00 19.89
CA THR A 74 9.32 -0.67 20.36
C THR A 74 8.16 0.28 20.11
N MET A 75 8.26 1.46 20.74
CA MET A 75 7.11 2.37 20.81
C MET A 75 6.53 2.63 19.44
N ASP A 76 5.21 2.52 19.34
CA ASP A 76 4.46 2.74 18.11
C ASP A 76 3.43 3.84 18.39
N ILE A 77 3.91 5.08 18.49
CA ILE A 77 3.09 6.21 18.88
C ILE A 77 3.34 7.37 17.93
N GLY A 78 2.28 8.12 17.64
CA GLY A 78 2.38 9.31 16.81
C GLY A 78 1.54 10.44 17.35
N GLY A 79 1.42 11.53 16.59
CA GLY A 79 0.75 12.72 17.06
C GLY A 79 -0.75 12.56 17.26
N ASP A 80 -1.35 11.52 16.67
CA ASP A 80 -2.76 11.26 16.91
C ASP A 80 -3.06 10.99 18.37
N LYS A 81 -2.05 10.77 19.20
CA LYS A 81 -2.23 10.42 20.60
C LYS A 81 -2.06 11.63 21.50
N GLU A 82 -2.58 11.50 22.72
CA GLU A 82 -2.57 12.55 23.74
C GLU A 82 -1.37 12.30 24.65
N LEU A 83 -0.24 12.89 24.32
CA LEU A 83 0.94 12.83 25.19
C LEU A 83 1.48 14.25 25.40
N PRO A 84 1.38 14.79 26.61
CA PRO A 84 1.76 16.20 26.82
C PRO A 84 3.25 16.43 26.86
N TYR A 85 4.05 15.41 27.17
CA TYR A 85 5.50 15.56 27.26
C TYR A 85 6.20 15.35 25.92
N MET A 86 5.46 15.05 24.86
CA MET A 86 6.06 14.75 23.57
C MET A 86 6.15 15.96 22.65
N ASN A 87 5.10 16.77 22.57
CA ASN A 87 5.07 17.92 21.67
C ASN A 87 5.12 17.44 20.23
N PHE A 88 3.96 16.98 19.68
CA PHE A 88 3.91 16.50 18.30
C PHE A 88 3.56 17.65 17.36
N PRO A 89 4.09 17.64 16.14
CA PRO A 89 3.75 18.69 15.18
C PRO A 89 2.39 18.46 14.55
N LYS A 90 1.85 19.54 13.99
CA LYS A 90 0.58 19.47 13.27
C LYS A 90 0.74 18.61 12.02
N GLU A 91 -0.17 17.65 11.85
CA GLU A 91 -0.10 16.72 10.73
C GLU A 91 -1.49 16.54 10.15
N GLU A 92 -1.61 16.75 8.83
CA GLU A 92 -2.91 16.58 8.18
C GLU A 92 -3.31 15.11 8.11
N ASN A 93 -2.34 14.21 7.95
CA ASN A 93 -2.58 12.77 7.94
C ASN A 93 -1.59 12.13 8.90
N PRO A 94 -1.92 12.06 10.19
CA PRO A 94 -0.96 11.50 11.17
C PRO A 94 -0.57 10.06 10.89
N PHE A 95 -1.49 9.25 10.35
CA PHE A 95 -1.18 7.85 10.10
C PHE A 95 -0.11 7.69 9.03
N LEU A 96 0.13 8.73 8.23
CA LEU A 96 1.19 8.72 7.23
C LEU A 96 2.33 9.65 7.63
N GLY A 97 2.49 9.88 8.94
CA GLY A 97 3.39 10.92 9.40
C GLY A 97 4.53 10.50 10.28
N TRP A 98 4.94 11.40 11.18
CA TRP A 98 6.15 11.26 11.98
C TRP A 98 5.78 10.51 13.26
N ARG A 99 6.02 9.20 13.26
CA ARG A 99 5.53 8.36 14.34
C ARG A 99 6.38 7.10 14.42
N ALA A 100 6.25 6.41 15.56
CA ALA A 100 6.80 5.06 15.75
C ALA A 100 8.30 5.10 15.43
N ILE A 101 8.79 4.23 14.54
CA ILE A 101 10.22 4.15 14.28
C ILE A 101 10.75 5.46 13.69
N ARG A 102 9.93 6.16 12.91
CA ARG A 102 10.36 7.42 12.33
C ARG A 102 10.66 8.44 13.43
N LEU A 103 9.81 8.50 14.45
CA LEU A 103 10.07 9.37 15.58
C LEU A 103 11.29 8.88 16.36
N CYS A 104 11.42 7.56 16.53
CA CYS A 104 12.52 7.02 17.32
C CYS A 104 13.87 7.37 16.71
N LEU A 105 13.99 7.25 15.39
CA LEU A 105 15.26 7.59 14.75
C LEU A 105 15.59 9.06 14.95
N ASP A 106 14.58 9.93 15.03
CA ASP A 106 14.78 11.35 15.28
C ASP A 106 14.84 11.68 16.76
N ARG A 107 14.47 10.75 17.63
CA ARG A 107 14.60 10.93 19.08
C ARG A 107 15.36 9.74 19.65
N PRO A 108 16.66 9.64 19.36
CA PRO A 108 17.45 8.52 19.88
C PRO A 108 17.35 8.37 21.39
N ASP A 109 17.15 9.47 22.12
CA ASP A 109 17.06 9.39 23.57
C ASP A 109 15.92 8.48 23.99
N ILE A 110 14.75 8.66 23.37
CA ILE A 110 13.63 7.76 23.66
C ILE A 110 13.96 6.35 23.20
N PHE A 111 14.47 6.21 21.98
CA PHE A 111 14.70 4.90 21.39
C PHE A 111 15.72 4.10 22.20
N LYS A 112 16.83 4.75 22.60
CA LYS A 112 17.88 4.03 23.31
C LYS A 112 17.44 3.61 24.71
N THR A 113 16.64 4.45 25.38
CA THR A 113 16.11 4.06 26.69
C THR A 113 15.35 2.75 26.60
N GLN A 114 14.46 2.64 25.61
CA GLN A 114 13.66 1.41 25.46
C GLN A 114 14.53 0.23 25.03
N LEU A 115 15.49 0.47 24.12
CA LEU A 115 16.36 -0.60 23.69
C LEU A 115 17.25 -1.10 24.84
N ARG A 116 17.75 -0.17 25.66
CA ARG A 116 18.54 -0.57 26.81
C ARG A 116 17.72 -1.45 27.75
N ALA A 117 16.47 -1.07 28.00
CA ALA A 117 15.62 -1.85 28.89
C ALA A 117 15.34 -3.24 28.30
N ILE A 118 15.01 -3.30 27.01
CA ILE A 118 14.72 -4.58 26.38
C ILE A 118 15.97 -5.46 26.42
N LEU A 119 17.12 -4.90 26.05
CA LEU A 119 18.34 -5.70 26.01
C LEU A 119 18.67 -6.24 27.41
N ARG A 120 18.59 -5.40 28.43
CA ARG A 120 18.84 -5.86 29.79
C ARG A 120 17.86 -6.96 30.18
N ALA A 121 16.61 -6.87 29.72
CA ALA A 121 15.63 -7.90 30.02
C ALA A 121 16.00 -9.22 29.34
N SER A 122 16.66 -9.16 28.18
CA SER A 122 17.01 -10.38 27.47
C SER A 122 18.00 -11.24 28.23
N ALA A 123 18.66 -10.69 29.25
CA ALA A 123 19.54 -11.49 30.09
C ALA A 123 18.78 -12.47 30.96
N TYR A 124 17.47 -12.33 31.08
CA TYR A 124 16.67 -13.15 31.98
C TYR A 124 15.72 -14.09 31.26
N GLY A 125 15.79 -14.16 29.94
CA GLY A 125 14.92 -15.06 29.20
C GLY A 125 15.07 -14.87 27.70
N ASN A 126 14.04 -15.30 26.99
CA ASN A 126 14.01 -15.34 25.53
C ASN A 126 13.29 -14.09 25.01
N VAL A 127 14.06 -13.11 24.56
CA VAL A 127 13.52 -11.82 24.14
C VAL A 127 13.85 -11.61 22.67
N GLN A 128 12.90 -11.03 21.95
CA GLN A 128 13.09 -10.61 20.56
C GLN A 128 12.62 -9.17 20.44
N ILE A 129 13.32 -8.40 19.60
CA ILE A 129 12.98 -7.00 19.35
C ILE A 129 12.26 -6.92 18.02
N MET A 130 11.25 -6.03 17.95
CA MET A 130 10.49 -5.84 16.73
C MET A 130 10.24 -4.37 16.51
N TYR A 131 10.63 -3.85 15.33
CA TYR A 131 10.40 -2.45 15.01
C TYR A 131 9.05 -2.28 14.34
N PRO A 132 8.31 -1.20 14.67
CA PRO A 132 7.08 -0.92 13.93
C PRO A 132 7.29 0.09 12.81
N MET A 133 6.35 0.15 11.86
CA MET A 133 6.28 1.26 10.91
C MET A 133 7.50 1.33 9.99
N ILE A 134 8.04 0.17 9.61
CA ILE A 134 9.20 0.13 8.73
C ILE A 134 8.72 0.20 7.28
N SER A 135 9.26 1.15 6.52
CA SER A 135 8.93 1.31 5.12
C SER A 135 10.03 0.86 4.18
N SER A 136 11.29 0.86 4.61
CA SER A 136 12.40 0.57 3.72
C SER A 136 13.54 -0.05 4.50
N VAL A 137 14.37 -0.82 3.79
CA VAL A 137 15.53 -1.45 4.40
C VAL A 137 16.45 -0.40 5.02
N GLU A 138 16.51 0.80 4.45
CA GLU A 138 17.37 1.84 5.00
C GLU A 138 17.00 2.15 6.44
N GLU A 139 15.70 2.14 6.76
CA GLU A 139 15.28 2.41 8.13
C GLU A 139 15.73 1.29 9.07
N VAL A 140 15.58 0.02 8.65
CA VAL A 140 16.04 -1.09 9.48
C VAL A 140 17.53 -0.95 9.75
N ARG A 141 18.31 -0.61 8.72
CA ARG A 141 19.75 -0.42 8.89
C ARG A 141 20.03 0.66 9.93
N LYS A 142 19.36 1.82 9.80
CA LYS A 142 19.55 2.89 10.77
C LYS A 142 19.15 2.42 12.17
N ALA A 143 18.00 1.75 12.29
CA ALA A 143 17.55 1.26 13.59
C ALA A 143 18.58 0.29 14.17
N ASN A 144 19.01 -0.69 13.38
CA ASN A 144 19.99 -1.67 13.85
C ASN A 144 21.31 -1.01 14.25
N SER A 145 21.66 0.11 13.61
CA SER A 145 22.88 0.81 13.98
C SER A 145 22.77 1.39 15.38
N ILE A 146 21.62 1.97 15.72
CA ILE A 146 21.44 2.49 17.07
C ILE A 146 21.36 1.34 18.07
N LEU A 147 20.80 0.20 17.66
CA LEU A 147 20.79 -0.96 18.55
C LEU A 147 22.21 -1.41 18.88
N GLU A 148 23.09 -1.46 17.88
CA GLU A 148 24.47 -1.84 18.14
C GLU A 148 25.16 -0.82 19.03
N GLU A 149 24.82 0.46 18.86
CA GLU A 149 25.33 1.50 19.75
C GLU A 149 24.99 1.18 21.21
N VAL A 150 23.72 0.83 21.47
CA VAL A 150 23.29 0.56 22.83
C VAL A 150 23.99 -0.68 23.37
N LYS A 151 24.13 -1.72 22.54
CA LYS A 151 24.91 -2.89 22.94
C LYS A 151 26.30 -2.47 23.39
N ALA A 152 26.99 -1.67 22.59
CA ALA A 152 28.31 -1.21 22.94
C ALA A 152 28.29 -0.41 24.24
N GLU A 153 27.25 0.41 24.43
CA GLU A 153 27.12 1.17 25.68
C GLU A 153 27.03 0.23 26.87
N LEU A 154 26.11 -0.75 26.80
CA LEU A 154 25.97 -1.71 27.88
C LEU A 154 27.25 -2.51 28.08
N ASP A 155 27.96 -2.82 27.00
CA ASP A 155 29.25 -3.48 27.11
C ASP A 155 30.21 -2.66 27.96
N ARG A 156 30.31 -1.36 27.67
CA ARG A 156 31.21 -0.48 28.41
C ARG A 156 30.79 -0.31 29.86
N GLU A 157 29.52 -0.53 30.17
CA GLU A 157 29.03 -0.41 31.53
C GLU A 157 29.08 -1.73 32.31
N GLY A 158 29.52 -2.81 31.66
CA GLY A 158 29.53 -4.10 32.32
C GLY A 158 28.15 -4.68 32.54
N VAL A 159 27.21 -4.39 31.66
CA VAL A 159 25.83 -4.84 31.77
C VAL A 159 25.59 -5.95 30.75
N LYS A 160 24.90 -6.99 31.18
CA LYS A 160 24.70 -8.18 30.36
C LYS A 160 23.44 -8.05 29.50
N TYR A 161 23.50 -8.66 28.32
CA TYR A 161 22.34 -8.82 27.46
C TYR A 161 22.57 -10.07 26.61
N ASP A 162 21.51 -10.53 25.95
CA ASP A 162 21.60 -11.69 25.08
C ASP A 162 22.27 -11.27 23.78
N LYS A 163 23.50 -11.74 23.56
CA LYS A 163 24.25 -11.37 22.36
C LYS A 163 23.60 -11.90 21.09
N GLU A 164 22.77 -12.94 21.18
CA GLU A 164 22.12 -13.52 20.02
C GLU A 164 20.67 -13.05 19.88
N ILE A 165 20.30 -11.96 20.55
CA ILE A 165 18.92 -11.49 20.53
C ILE A 165 18.47 -11.29 19.09
N LYS A 166 17.31 -11.86 18.76
CA LYS A 166 16.75 -11.73 17.42
C LYS A 166 16.03 -10.40 17.29
N VAL A 167 16.12 -9.81 16.10
CA VAL A 167 15.50 -8.53 15.77
C VAL A 167 14.69 -8.70 14.50
N GLY A 168 13.39 -8.38 14.57
CA GLY A 168 12.52 -8.45 13.43
C GLY A 168 11.74 -7.17 13.22
N ILE A 169 10.79 -7.17 12.29
CA ILE A 169 10.02 -5.97 11.99
C ILE A 169 8.55 -6.33 11.85
N MET A 170 7.69 -5.40 12.27
CA MET A 170 6.30 -5.44 11.85
C MET A 170 6.22 -5.16 10.36
N VAL A 171 5.51 -6.00 9.63
CA VAL A 171 5.24 -5.76 8.22
C VAL A 171 3.83 -5.21 8.15
N GLU A 172 3.72 -3.88 8.13
CA GLU A 172 2.44 -3.19 8.08
C GLU A 172 2.39 -2.08 7.04
N ILE A 173 3.51 -1.73 6.44
CA ILE A 173 3.55 -0.74 5.35
C ILE A 173 3.73 -1.51 4.05
N PRO A 174 2.94 -1.23 3.01
CA PRO A 174 2.99 -2.10 1.82
C PRO A 174 4.38 -2.23 1.22
N SER A 175 5.16 -1.15 1.21
CA SER A 175 6.52 -1.23 0.67
C SER A 175 7.33 -2.32 1.36
N ALA A 176 7.10 -2.53 2.65
CA ALA A 176 7.83 -3.56 3.37
C ALA A 176 7.45 -4.96 2.87
N ALA A 177 6.18 -5.15 2.50
CA ALA A 177 5.78 -6.44 1.95
C ALA A 177 6.34 -6.64 0.56
N VAL A 178 6.27 -5.60 -0.29
CA VAL A 178 6.76 -5.72 -1.66
C VAL A 178 8.26 -5.88 -1.72
N THR A 179 8.99 -5.42 -0.70
CA THR A 179 10.44 -5.58 -0.64
C THR A 179 10.85 -6.54 0.48
N ALA A 180 10.01 -7.54 0.76
CA ALA A 180 10.31 -8.48 1.84
C ALA A 180 11.60 -9.23 1.58
N ASP A 181 11.88 -9.54 0.32
CA ASP A 181 13.13 -10.23 -0.02
C ASP A 181 14.34 -9.39 0.39
N ILE A 182 14.27 -8.08 0.16
CA ILE A 182 15.36 -7.19 0.56
C ILE A 182 15.44 -7.13 2.08
N LEU A 183 14.32 -6.87 2.75
CA LEU A 183 14.32 -6.79 4.21
C LEU A 183 14.72 -8.11 4.84
N ALA A 184 14.35 -9.24 4.23
CA ALA A 184 14.64 -10.54 4.82
C ALA A 184 16.13 -10.71 5.12
N LYS A 185 16.99 -10.01 4.36
CA LYS A 185 18.43 -10.13 4.55
C LYS A 185 18.93 -9.43 5.81
N GLU A 186 18.16 -8.47 6.35
CA GLU A 186 18.62 -7.65 7.45
C GLU A 186 17.96 -7.99 8.77
N VAL A 187 16.86 -8.74 8.77
CA VAL A 187 16.11 -9.03 9.98
C VAL A 187 16.11 -10.53 10.20
N ASP A 188 15.79 -10.93 11.43
CA ASP A 188 15.69 -12.33 11.78
C ASP A 188 14.29 -12.90 11.58
N PHE A 189 13.28 -12.04 11.44
CA PHE A 189 11.92 -12.51 11.28
C PHE A 189 11.03 -11.34 10.88
N PHE A 190 9.85 -11.68 10.36
CA PHE A 190 8.77 -10.74 10.12
C PHE A 190 7.57 -11.13 10.98
N SER A 191 6.83 -10.12 11.41
CA SER A 191 5.48 -10.33 11.95
C SER A 191 4.53 -9.43 11.16
N ILE A 192 3.60 -10.05 10.44
CA ILE A 192 2.69 -9.31 9.57
C ILE A 192 1.63 -8.65 10.43
N GLY A 193 1.61 -7.31 10.41
CA GLY A 193 0.60 -6.56 11.14
C GLY A 193 -0.57 -6.21 10.25
N THR A 194 -1.49 -7.17 10.08
CA THR A 194 -2.56 -6.98 9.11
C THR A 194 -3.46 -5.81 9.46
N ASN A 195 -3.57 -5.45 10.74
CA ASN A 195 -4.42 -4.33 11.14
C ASN A 195 -4.11 -3.09 10.33
N ASP A 196 -2.87 -2.60 10.40
CA ASP A 196 -2.49 -1.41 9.68
C ASP A 196 -2.10 -1.71 8.23
N LEU A 197 -1.64 -2.95 7.95
CA LEU A 197 -1.36 -3.31 6.57
C LEU A 197 -2.61 -3.18 5.71
N THR A 198 -3.75 -3.63 6.23
CA THR A 198 -5.01 -3.46 5.52
C THR A 198 -5.33 -1.99 5.29
N GLN A 199 -5.10 -1.16 6.32
CA GLN A 199 -5.43 0.25 6.23
C GLN A 199 -4.57 0.96 5.18
N TYR A 200 -3.26 0.69 5.18
CA TYR A 200 -2.37 1.35 4.23
C TYR A 200 -2.53 0.76 2.83
N THR A 201 -2.72 -0.56 2.73
CA THR A 201 -2.78 -1.19 1.42
C THR A 201 -4.05 -0.81 0.67
N LEU A 202 -5.16 -0.65 1.39
CA LEU A 202 -6.42 -0.22 0.79
C LEU A 202 -6.62 1.29 0.86
N ALA A 203 -5.72 2.01 1.53
CA ALA A 203 -5.88 3.45 1.74
C ALA A 203 -7.20 3.75 2.44
N VAL A 204 -7.43 3.06 3.55
CA VAL A 204 -8.68 3.15 4.30
C VAL A 204 -8.36 3.35 5.77
N ASP A 205 -8.74 4.51 6.30
CA ASP A 205 -8.65 4.79 7.73
C ASP A 205 -9.76 4.03 8.44
N ARG A 206 -9.39 2.97 9.19
CA ARG A 206 -10.39 2.16 9.85
C ARG A 206 -11.27 2.98 10.78
N GLY A 207 -10.75 4.08 11.32
CA GLY A 207 -11.53 4.94 12.19
C GLY A 207 -12.52 5.84 11.51
N ASN A 208 -12.57 5.83 10.18
CA ASN A 208 -13.48 6.69 9.42
C ASN A 208 -14.81 5.99 9.22
N ASP A 209 -15.87 6.55 9.81
CA ASP A 209 -17.18 5.90 9.79
C ASP A 209 -17.69 5.70 8.36
N MET A 210 -17.32 6.59 7.44
CA MET A 210 -17.96 6.62 6.12
C MET A 210 -17.35 5.64 5.13
N ILE A 211 -16.23 5.01 5.46
CA ILE A 211 -15.58 4.08 4.55
C ILE A 211 -15.17 2.82 5.31
N SER A 212 -15.78 2.61 6.49
CA SER A 212 -15.52 1.39 7.25
C SER A 212 -15.71 0.15 6.39
N HIS A 213 -16.77 0.13 5.57
CA HIS A 213 -17.07 -1.03 4.75
C HIS A 213 -15.95 -1.39 3.79
N LEU A 214 -15.02 -0.47 3.53
CA LEU A 214 -13.90 -0.75 2.64
C LEU A 214 -12.72 -1.38 3.36
N TYR A 215 -12.75 -1.46 4.68
CA TYR A 215 -11.68 -2.09 5.45
C TYR A 215 -11.92 -3.60 5.48
N GLN A 216 -11.11 -4.34 4.73
CA GLN A 216 -11.32 -5.78 4.55
C GLN A 216 -9.98 -6.50 4.59
N PRO A 217 -9.56 -6.94 5.78
CA PRO A 217 -8.31 -7.71 5.85
C PRO A 217 -8.35 -8.99 5.03
N MET A 218 -9.50 -9.65 4.94
CA MET A 218 -9.63 -10.87 4.16
C MET A 218 -9.84 -10.55 2.69
N SER A 219 -8.97 -9.72 2.12
CA SER A 219 -9.06 -9.32 0.73
C SER A 219 -8.00 -10.03 -0.10
N PRO A 220 -8.27 -10.31 -1.38
CA PRO A 220 -7.20 -10.83 -2.25
C PRO A 220 -5.89 -10.06 -2.10
N ALA A 221 -5.96 -8.73 -1.99
CA ALA A 221 -4.75 -7.92 -1.98
C ALA A 221 -3.89 -8.20 -0.76
N ILE A 222 -4.50 -8.26 0.43
CA ILE A 222 -3.72 -8.42 1.65
C ILE A 222 -3.20 -9.85 1.75
N LEU A 223 -4.02 -10.83 1.36
CA LEU A 223 -3.56 -12.21 1.42
C LEU A 223 -2.39 -12.45 0.46
N ARG A 224 -2.34 -11.70 -0.64
CA ARG A 224 -1.18 -11.82 -1.53
C ARG A 224 0.06 -11.17 -0.93
N LEU A 225 -0.11 -10.10 -0.15
CA LEU A 225 1.01 -9.55 0.58
C LEU A 225 1.47 -10.49 1.68
N VAL A 226 0.53 -11.17 2.32
CA VAL A 226 0.88 -12.16 3.34
C VAL A 226 1.76 -13.25 2.72
N LYS A 227 1.30 -13.82 1.59
CA LYS A 227 2.10 -14.83 0.90
C LYS A 227 3.47 -14.27 0.51
N MET A 228 3.49 -13.02 0.04
CA MET A 228 4.75 -12.39 -0.33
C MET A 228 5.74 -12.40 0.82
N VAL A 229 5.27 -12.04 2.03
CA VAL A 229 6.17 -11.93 3.17
C VAL A 229 6.62 -13.31 3.63
N ILE A 230 5.70 -14.27 3.69
CA ILE A 230 6.04 -15.61 4.15
C ILE A 230 7.09 -16.23 3.24
N ASP A 231 6.87 -16.17 1.92
CA ASP A 231 7.79 -16.78 0.98
C ASP A 231 9.17 -16.12 1.05
N ALA A 232 9.20 -14.79 1.09
CA ALA A 232 10.47 -14.08 1.21
C ALA A 232 11.19 -14.45 2.50
N ALA A 233 10.44 -14.57 3.60
CA ALA A 233 11.05 -14.99 4.86
C ALA A 233 11.64 -16.39 4.73
N HIS A 234 10.88 -17.33 4.16
CA HIS A 234 11.33 -18.70 4.08
C HIS A 234 12.51 -18.85 3.13
N LYS A 235 12.52 -18.09 2.03
CA LYS A 235 13.63 -18.19 1.09
C LYS A 235 14.96 -17.86 1.78
N GLU A 236 14.93 -17.01 2.80
CA GLU A 236 16.12 -16.66 3.57
C GLU A 236 16.22 -17.47 4.87
N GLY A 237 15.38 -18.47 5.06
CA GLY A 237 15.44 -19.27 6.26
C GLY A 237 14.98 -18.56 7.52
N LYS A 238 14.24 -17.46 7.37
CA LYS A 238 13.67 -16.74 8.50
C LYS A 238 12.20 -17.15 8.66
N PHE A 239 11.69 -16.97 9.87
CA PHE A 239 10.32 -17.36 10.17
C PHE A 239 9.38 -16.17 10.08
N ALA A 240 8.17 -16.43 9.63
CA ALA A 240 7.14 -15.41 9.43
C ALA A 240 6.04 -15.59 10.47
N ALA A 241 5.74 -14.52 11.20
CA ALA A 241 4.65 -14.50 12.16
C ALA A 241 3.57 -13.53 11.69
N MET A 242 2.43 -13.57 12.38
CA MET A 242 1.36 -12.60 12.15
C MET A 242 0.74 -12.27 13.50
N CYS A 243 0.75 -10.99 13.86
CA CYS A 243 0.13 -10.52 15.09
C CYS A 243 -1.10 -9.67 14.84
N GLY A 244 -1.40 -9.33 13.59
CA GLY A 244 -2.67 -8.70 13.28
C GLY A 244 -3.84 -9.59 13.68
N GLU A 245 -5.03 -8.97 13.74
CA GLU A 245 -6.20 -9.70 14.20
C GLU A 245 -6.59 -10.83 13.26
N MET A 246 -6.10 -10.82 12.02
CA MET A 246 -6.37 -11.93 11.11
C MET A 246 -5.87 -13.25 11.68
N ALA A 247 -4.78 -13.22 12.45
CA ALA A 247 -4.21 -14.44 12.99
C ALA A 247 -5.14 -15.11 13.98
N GLY A 248 -6.00 -14.34 14.65
CA GLY A 248 -7.00 -14.87 15.54
C GLY A 248 -8.34 -15.15 14.91
N ASP A 249 -8.46 -14.91 13.60
CA ASP A 249 -9.73 -15.08 12.90
C ASP A 249 -9.88 -16.53 12.45
N PRO A 250 -10.92 -17.24 12.88
CA PRO A 250 -11.04 -18.65 12.49
C PRO A 250 -11.16 -18.85 10.98
N LEU A 251 -11.73 -17.87 10.27
CA LEU A 251 -11.92 -18.01 8.83
C LEU A 251 -10.59 -17.94 8.07
N ALA A 252 -9.59 -17.28 8.63
CA ALA A 252 -8.29 -17.16 7.98
C ALA A 252 -7.34 -18.28 8.36
N ALA A 253 -7.60 -19.00 9.46
CA ALA A 253 -6.64 -19.97 9.98
C ALA A 253 -6.15 -20.92 8.90
N VAL A 254 -7.08 -21.51 8.15
CA VAL A 254 -6.70 -22.54 7.18
C VAL A 254 -5.90 -21.93 6.03
N ILE A 255 -6.24 -20.70 5.62
CA ILE A 255 -5.48 -20.04 4.58
C ILE A 255 -4.05 -19.78 5.04
N LEU A 256 -3.89 -19.26 6.26
CA LEU A 256 -2.55 -18.94 6.75
C LEU A 256 -1.73 -20.21 6.94
N LEU A 257 -2.34 -21.26 7.50
CA LEU A 257 -1.66 -22.55 7.57
C LEU A 257 -1.19 -22.99 6.17
N GLY A 258 -2.10 -22.92 5.19
CA GLY A 258 -1.75 -23.31 3.84
C GLY A 258 -0.65 -22.47 3.23
N LEU A 259 -0.59 -21.19 3.57
CA LEU A 259 0.48 -20.33 3.07
C LEU A 259 1.81 -20.57 3.78
N GLY A 260 1.82 -21.37 4.84
CA GLY A 260 3.05 -21.67 5.53
C GLY A 260 3.42 -20.73 6.64
N LEU A 261 2.48 -19.95 7.15
CA LEU A 261 2.75 -19.08 8.28
C LEU A 261 3.32 -19.88 9.44
N ASP A 262 4.41 -19.38 10.03
CA ASP A 262 5.08 -20.10 11.10
C ASP A 262 4.44 -19.85 12.46
N GLU A 263 3.91 -18.66 12.70
CA GLU A 263 3.50 -18.26 14.03
C GLU A 263 2.25 -17.39 13.96
N PHE A 264 1.20 -17.82 14.66
CA PHE A 264 0.00 -17.03 14.85
C PHE A 264 0.07 -16.39 16.22
N SER A 265 0.03 -15.06 16.28
CA SER A 265 -0.02 -14.32 17.53
C SER A 265 -1.35 -13.58 17.60
N MET A 266 -2.03 -13.68 18.74
CA MET A 266 -3.41 -13.26 18.84
C MET A 266 -3.76 -13.03 20.31
N SER A 267 -4.91 -12.39 20.52
CA SER A 267 -5.48 -12.30 21.87
C SER A 267 -5.61 -13.70 22.46
N ALA A 268 -5.21 -13.83 23.73
CA ALA A 268 -5.04 -15.15 24.33
C ALA A 268 -6.28 -16.01 24.17
N THR A 269 -7.47 -15.44 24.38
CA THR A 269 -8.69 -16.24 24.37
C THR A 269 -8.99 -16.84 23.02
N SER A 270 -8.36 -16.35 21.95
CA SER A 270 -8.58 -16.91 20.62
C SER A 270 -7.72 -18.14 20.35
N ILE A 271 -6.71 -18.39 21.18
CA ILE A 271 -5.76 -19.46 20.87
C ILE A 271 -6.42 -20.83 20.83
N PRO A 272 -7.22 -21.25 21.82
CA PRO A 272 -7.82 -22.59 21.75
C PRO A 272 -8.63 -22.80 20.48
N GLU A 273 -9.36 -21.78 20.03
CA GLU A 273 -10.19 -21.91 18.84
C GLU A 273 -9.33 -22.17 17.60
N ILE A 274 -8.28 -21.36 17.40
CA ILE A 274 -7.41 -21.55 16.24
C ILE A 274 -6.69 -22.89 16.35
N LYS A 275 -6.26 -23.26 17.55
CA LYS A 275 -5.55 -24.53 17.73
C LYS A 275 -6.43 -25.69 17.27
N ASN A 276 -7.71 -25.69 17.65
CA ASN A 276 -8.60 -26.76 17.23
C ASN A 276 -8.67 -26.86 15.71
N ILE A 277 -8.79 -25.73 15.03
CA ILE A 277 -8.85 -25.74 13.57
C ILE A 277 -7.58 -26.36 13.00
N ILE A 278 -6.42 -25.91 13.49
CA ILE A 278 -5.15 -26.42 12.98
C ILE A 278 -5.10 -27.94 13.11
N ARG A 279 -5.50 -28.46 14.28
CA ARG A 279 -5.42 -29.89 14.54
C ARG A 279 -6.42 -30.71 13.74
N ASN A 280 -7.37 -30.07 13.05
CA ASN A 280 -8.43 -30.80 12.35
C ASN A 280 -8.46 -30.51 10.85
N VAL A 281 -7.39 -29.96 10.30
CA VAL A 281 -7.27 -29.74 8.86
C VAL A 281 -5.86 -30.12 8.43
N GLU A 282 -5.76 -31.04 7.48
CA GLU A 282 -4.44 -31.43 6.99
C GLU A 282 -3.76 -30.25 6.31
N TYR A 283 -2.44 -30.20 6.46
CA TYR A 283 -1.65 -29.16 5.80
C TYR A 283 -1.83 -29.22 4.29
N GLU A 284 -1.94 -30.43 3.73
CA GLU A 284 -2.11 -30.57 2.29
C GLU A 284 -3.46 -30.03 1.83
N LYS A 285 -4.51 -30.25 2.63
CA LYS A 285 -5.80 -29.65 2.32
C LYS A 285 -5.74 -28.12 2.41
N ALA A 286 -5.08 -27.61 3.45
CA ALA A 286 -5.00 -26.16 3.65
C ALA A 286 -4.29 -25.49 2.49
N LYS A 287 -3.23 -26.10 1.97
CA LYS A 287 -2.54 -25.54 0.82
C LYS A 287 -3.48 -25.36 -0.36
N GLU A 288 -4.30 -26.37 -0.64
CA GLU A 288 -5.28 -26.27 -1.73
C GLU A 288 -6.24 -25.12 -1.48
N ILE A 289 -6.71 -24.98 -0.23
CA ILE A 289 -7.69 -23.94 0.08
C ILE A 289 -7.07 -22.55 -0.06
N ALA A 290 -5.86 -22.37 0.47
CA ALA A 290 -5.18 -21.09 0.31
C ALA A 290 -4.94 -20.79 -1.17
N GLU A 291 -4.66 -21.82 -1.97
CA GLU A 291 -4.46 -21.62 -3.40
C GLU A 291 -5.74 -21.12 -4.06
N LYS A 292 -6.87 -21.73 -3.73
CA LYS A 292 -8.16 -21.24 -4.23
C LYS A 292 -8.42 -19.82 -3.76
N ALA A 293 -8.19 -19.56 -2.46
CA ALA A 293 -8.49 -18.25 -1.90
C ALA A 293 -7.72 -17.15 -2.61
N LEU A 294 -6.45 -17.39 -2.89
CA LEU A 294 -5.61 -16.37 -3.53
C LEU A 294 -5.90 -16.21 -5.00
N ASN A 295 -6.70 -17.05 -5.61
CA ASN A 295 -7.15 -16.83 -6.98
C ASN A 295 -8.57 -16.29 -7.02
N MET A 296 -9.15 -15.92 -5.88
CA MET A 296 -10.46 -15.33 -5.85
C MET A 296 -10.38 -13.83 -6.16
N SER A 297 -11.51 -13.28 -6.57
CA SER A 297 -11.58 -11.89 -7.03
C SER A 297 -12.03 -10.92 -5.94
N GLU A 298 -12.94 -11.35 -5.07
CA GLU A 298 -13.54 -10.45 -4.09
C GLU A 298 -13.48 -11.09 -2.70
N ALA A 299 -13.40 -10.22 -1.69
CA ALA A 299 -13.37 -10.69 -0.31
C ALA A 299 -14.58 -11.56 0.02
N ARG A 300 -15.72 -11.30 -0.61
CA ARG A 300 -16.91 -12.08 -0.27
C ARG A 300 -16.75 -13.53 -0.72
N GLU A 301 -16.21 -13.75 -1.92
CA GLU A 301 -15.96 -15.13 -2.33
C GLU A 301 -15.12 -15.88 -1.29
N ILE A 302 -14.06 -15.25 -0.81
CA ILE A 302 -13.19 -15.88 0.17
C ILE A 302 -13.97 -16.16 1.45
N GLU A 303 -14.76 -15.19 1.92
CA GLU A 303 -15.52 -15.38 3.15
C GLU A 303 -16.44 -16.58 3.06
N LYS A 304 -17.21 -16.68 1.97
CA LYS A 304 -18.15 -17.80 1.83
C LYS A 304 -17.43 -19.13 1.87
N MET A 305 -16.31 -19.24 1.13
CA MET A 305 -15.56 -20.49 1.11
C MET A 305 -15.11 -20.88 2.52
N MET A 306 -14.46 -19.95 3.23
CA MET A 306 -13.92 -20.27 4.55
C MET A 306 -15.04 -20.54 5.55
N LYS A 307 -16.17 -19.85 5.43
CA LYS A 307 -17.32 -20.19 6.26
C LYS A 307 -17.71 -21.65 6.07
N ASP A 308 -17.73 -22.12 4.81
CA ASP A 308 -18.01 -23.52 4.55
C ASP A 308 -16.92 -24.43 5.10
N VAL A 309 -15.67 -23.96 5.11
CA VAL A 309 -14.58 -24.77 5.63
C VAL A 309 -14.68 -24.90 7.15
N ILE A 310 -14.99 -23.79 7.83
CA ILE A 310 -15.17 -23.84 9.28
C ILE A 310 -16.44 -24.62 9.63
N LYS A 311 -17.50 -24.43 8.83
CA LYS A 311 -18.73 -25.20 9.03
C LYS A 311 -18.42 -26.69 9.15
N ASP A 312 -17.54 -27.20 8.28
CA ASP A 312 -17.00 -28.56 8.43
C ASP A 312 -16.03 -28.54 9.61
N ILE A 313 -16.61 -28.54 10.82
CA ILE A 313 -15.83 -28.40 12.04
C ILE A 313 -15.35 -29.75 12.53
N MET B 1 7.90 9.77 -34.02
CA MET B 1 7.28 8.95 -32.95
C MET B 1 8.31 8.50 -31.93
N ALA B 2 7.85 8.26 -30.70
CA ALA B 2 8.69 7.74 -29.63
C ALA B 2 8.89 6.25 -29.87
N GLU B 3 9.94 5.91 -30.61
CA GLU B 3 10.23 4.52 -30.95
C GLU B 3 11.72 4.28 -30.80
N THR B 4 12.08 3.17 -30.17
CA THR B 4 13.49 2.82 -30.04
C THR B 4 14.04 2.40 -31.40
N PRO B 5 15.36 2.55 -31.60
CA PRO B 5 15.93 2.14 -32.90
C PRO B 5 15.60 0.71 -33.29
N ASP B 6 15.53 -0.21 -32.32
CA ASP B 6 15.23 -1.61 -32.63
C ASP B 6 13.73 -1.89 -32.67
N GLY B 7 12.89 -0.85 -32.66
CA GLY B 7 11.51 -0.99 -33.09
C GLY B 7 10.46 -1.08 -32.00
N LYS B 8 10.74 -0.68 -30.78
CA LYS B 8 9.73 -0.65 -29.73
C LYS B 8 9.13 0.75 -29.69
N LYS B 9 7.82 0.84 -29.92
CA LYS B 9 7.10 2.10 -29.92
C LYS B 9 6.34 2.27 -28.59
N VAL B 10 6.37 3.49 -28.07
CA VAL B 10 5.55 3.88 -26.94
C VAL B 10 4.72 5.10 -27.33
N MET B 11 3.60 5.27 -26.66
CA MET B 11 2.72 6.41 -26.90
C MET B 11 3.00 7.49 -25.87
N LEU B 12 3.22 8.71 -26.34
CA LEU B 12 3.47 9.84 -25.46
C LEU B 12 2.22 10.73 -25.45
N ALA B 13 1.63 10.89 -24.27
CA ALA B 13 0.40 11.64 -24.10
C ALA B 13 0.64 12.80 -23.14
N ALA B 14 -0.38 13.63 -22.98
CA ALA B 14 -0.29 14.83 -22.17
C ALA B 14 -1.30 14.78 -21.03
N ASN B 15 -0.86 15.27 -19.86
CA ASN B 15 -1.75 15.56 -18.75
C ASN B 15 -2.21 17.01 -18.86
N ILE B 16 -3.50 17.25 -18.68
CA ILE B 16 -4.04 18.61 -18.74
C ILE B 16 -5.02 18.79 -17.60
N GLY B 17 -5.21 20.05 -17.20
CA GLY B 17 -6.11 20.38 -16.12
C GLY B 17 -7.15 21.43 -16.48
N THR B 18 -7.09 21.92 -17.72
CA THR B 18 -8.08 22.85 -18.23
C THR B 18 -8.25 22.62 -19.72
N VAL B 19 -9.26 23.28 -20.29
CA VAL B 19 -9.55 23.12 -21.72
C VAL B 19 -8.41 23.70 -22.56
N ARG B 20 -7.94 24.90 -22.21
CA ARG B 20 -6.94 25.57 -23.03
C ARG B 20 -5.63 24.81 -23.09
N ASP B 21 -5.37 23.91 -22.13
CA ASP B 21 -4.13 23.16 -22.12
C ASP B 21 -3.94 22.30 -23.37
N VAL B 22 -5.03 22.03 -24.10
CA VAL B 22 -4.93 21.10 -25.22
C VAL B 22 -4.02 21.64 -26.30
N ALA B 23 -4.03 22.96 -26.52
CA ALA B 23 -3.20 23.55 -27.57
C ALA B 23 -1.73 23.22 -27.34
N SER B 24 -1.24 23.44 -26.11
CA SER B 24 0.14 23.12 -25.80
C SER B 24 0.42 21.63 -26.00
N ALA B 25 -0.55 20.78 -25.63
CA ALA B 25 -0.39 19.34 -25.83
C ALA B 25 -0.11 19.02 -27.29
N LEU B 26 -0.95 19.53 -28.20
CA LEU B 26 -0.73 19.29 -29.62
C LEU B 26 0.58 19.90 -30.09
N ALA B 27 0.91 21.09 -29.59
CA ALA B 27 2.13 21.76 -30.03
C ALA B 27 3.37 20.97 -29.66
N ASN B 28 3.31 20.20 -28.56
CA ASN B 28 4.44 19.39 -28.12
C ASN B 28 4.40 17.97 -28.67
N GLY B 29 3.46 17.66 -29.56
CA GLY B 29 3.43 16.37 -30.21
C GLY B 29 2.68 15.29 -29.47
N ALA B 30 1.83 15.65 -28.52
CA ALA B 30 1.07 14.64 -27.79
C ALA B 30 0.21 13.83 -28.73
N GLU B 31 0.26 12.51 -28.60
CA GLU B 31 -0.58 11.60 -29.36
C GLU B 31 -1.91 11.34 -28.68
N GLY B 32 -2.19 12.04 -27.59
CA GLY B 32 -3.44 11.88 -26.88
C GLY B 32 -3.39 12.67 -25.59
N VAL B 33 -4.48 12.58 -24.83
CA VAL B 33 -4.55 13.13 -23.48
C VAL B 33 -4.67 11.94 -22.54
N GLY B 34 -3.57 11.59 -21.87
CA GLY B 34 -3.58 10.47 -20.95
C GLY B 34 -4.27 10.73 -19.63
N LEU B 35 -4.40 12.00 -19.25
CA LEU B 35 -5.09 12.37 -18.02
C LEU B 35 -5.69 13.75 -18.21
N PHE B 36 -7.01 13.82 -18.29
CA PHE B 36 -7.75 15.08 -18.26
C PHE B 36 -8.31 15.22 -16.84
N ARG B 37 -7.62 16.00 -16.01
CA ARG B 37 -8.10 16.27 -14.66
C ARG B 37 -9.33 17.18 -14.73
N THR B 38 -10.42 16.73 -14.10
CA THR B 38 -11.69 17.45 -14.16
C THR B 38 -11.96 18.25 -12.89
N GLU B 39 -10.94 18.45 -12.04
CA GLU B 39 -11.16 19.19 -10.81
C GLU B 39 -11.46 20.66 -11.08
N PHE B 40 -10.97 21.19 -12.21
CA PHE B 40 -11.21 22.59 -12.53
C PHE B 40 -12.71 22.88 -12.66
N LEU B 41 -13.51 21.86 -13.00
CA LEU B 41 -14.94 22.05 -13.12
C LEU B 41 -15.66 22.09 -11.78
N PHE B 42 -15.00 21.65 -10.70
CA PHE B 42 -15.62 21.61 -9.38
C PHE B 42 -15.09 22.65 -8.42
N MET B 43 -13.85 23.10 -8.59
CA MET B 43 -13.21 23.97 -7.61
C MET B 43 -13.59 25.42 -7.83
N ASP B 44 -13.49 26.21 -6.76
CA ASP B 44 -13.63 27.66 -6.83
C ASP B 44 -14.99 28.07 -7.38
N ARG B 45 -16.05 27.40 -6.91
CA ARG B 45 -17.41 27.75 -7.30
C ARG B 45 -18.35 27.45 -6.15
N ASP B 46 -19.59 27.91 -6.29
CA ASP B 46 -20.59 27.77 -5.25
C ASP B 46 -21.56 26.62 -5.49
N ALA B 47 -21.44 25.92 -6.62
CA ALA B 47 -22.40 24.87 -6.94
C ALA B 47 -21.74 23.84 -7.84
N LEU B 48 -22.31 22.63 -7.83
CA LEU B 48 -21.81 21.55 -8.66
C LEU B 48 -21.84 21.98 -10.13
N PRO B 49 -20.86 21.56 -10.93
CA PRO B 49 -20.90 21.87 -12.36
C PRO B 49 -22.00 21.07 -13.05
N THR B 50 -22.81 21.76 -13.83
CA THR B 50 -23.91 21.10 -14.53
C THR B 50 -23.36 20.20 -15.64
N GLU B 51 -24.21 19.26 -16.09
CA GLU B 51 -23.82 18.36 -17.16
C GLU B 51 -23.41 19.14 -18.40
N GLU B 52 -24.14 20.21 -18.74
CA GLU B 52 -23.86 20.92 -19.98
C GLU B 52 -22.55 21.69 -19.89
N GLU B 53 -22.23 22.26 -18.73
CA GLU B 53 -20.94 22.93 -18.58
C GLU B 53 -19.80 21.94 -18.72
N GLN B 54 -19.91 20.78 -18.06
CA GLN B 54 -18.89 19.74 -18.20
C GLN B 54 -18.80 19.27 -19.64
N PHE B 55 -19.95 18.95 -20.25
CA PHE B 55 -19.97 18.45 -21.61
C PHE B 55 -19.24 19.39 -22.56
N GLU B 56 -19.57 20.69 -22.50
N GLU B 56 -19.57 20.69 -22.50
CA GLU B 56 -18.94 21.65 -23.39
CA GLU B 56 -18.93 21.66 -23.39
C GLU B 56 -17.42 21.67 -23.20
C GLU B 56 -17.42 21.67 -23.20
N ALA B 57 -16.96 21.52 -21.97
CA ALA B 57 -15.52 21.46 -21.72
C ALA B 57 -14.91 20.20 -22.34
N TYR B 58 -15.47 19.04 -22.00
CA TYR B 58 -14.95 17.79 -22.54
C TYR B 58 -15.01 17.77 -24.05
N LYS B 59 -16.11 18.26 -24.63
CA LYS B 59 -16.28 18.19 -26.08
C LYS B 59 -15.18 18.96 -26.80
N GLU B 60 -14.82 20.14 -26.31
CA GLU B 60 -13.84 20.97 -27.01
C GLU B 60 -12.46 20.32 -27.00
N VAL B 61 -12.05 19.75 -25.87
CA VAL B 61 -10.78 19.04 -25.82
C VAL B 61 -10.82 17.84 -26.77
N VAL B 62 -11.94 17.12 -26.77
CA VAL B 62 -12.04 15.92 -27.59
C VAL B 62 -11.98 16.26 -29.07
N GLU B 63 -12.68 17.32 -29.48
CA GLU B 63 -12.69 17.69 -30.89
C GLU B 63 -11.32 18.17 -31.34
N LYS B 64 -10.69 19.06 -30.57
CA LYS B 64 -9.40 19.60 -30.96
C LYS B 64 -8.35 18.50 -31.07
N MET B 65 -8.46 17.45 -30.24
CA MET B 65 -7.55 16.32 -30.34
C MET B 65 -7.78 15.50 -31.60
N GLY B 66 -8.88 15.73 -32.31
CA GLY B 66 -9.05 15.21 -33.67
C GLY B 66 -8.98 13.70 -33.79
N GLY B 67 -9.60 12.97 -32.88
CA GLY B 67 -9.61 11.53 -32.93
C GLY B 67 -8.56 10.85 -32.07
N ARG B 68 -7.56 11.59 -31.59
CA ARG B 68 -6.63 11.03 -30.64
C ARG B 68 -7.35 10.77 -29.31
N PRO B 69 -6.95 9.72 -28.59
CA PRO B 69 -7.70 9.33 -27.38
C PRO B 69 -7.54 10.35 -26.27
N VAL B 70 -8.66 10.67 -25.61
CA VAL B 70 -8.69 11.60 -24.49
C VAL B 70 -9.22 10.85 -23.27
N THR B 71 -8.35 10.67 -22.27
CA THR B 71 -8.70 9.94 -21.06
C THR B 71 -9.17 10.94 -20.01
N ILE B 72 -10.44 10.86 -19.63
CA ILE B 72 -11.06 11.81 -18.71
C ILE B 72 -11.24 11.12 -17.36
N ARG B 73 -10.60 11.68 -16.33
CA ARG B 73 -10.66 11.14 -14.99
C ARG B 73 -11.80 11.79 -14.23
N THR B 74 -12.66 10.97 -13.64
CA THR B 74 -13.80 11.50 -12.89
C THR B 74 -13.30 12.22 -11.65
N MET B 75 -14.20 12.97 -11.02
CA MET B 75 -13.84 13.83 -9.90
C MET B 75 -12.95 13.11 -8.91
N ASP B 76 -11.86 13.76 -8.53
CA ASP B 76 -10.86 13.21 -7.62
C ASP B 76 -10.61 14.24 -6.51
N ILE B 77 -11.61 14.42 -5.65
CA ILE B 77 -11.56 15.46 -4.63
C ILE B 77 -12.06 14.89 -3.32
N GLY B 78 -11.43 15.34 -2.22
CA GLY B 78 -11.85 14.96 -0.88
C GLY B 78 -11.89 16.16 0.04
N GLY B 79 -12.11 15.92 1.33
CA GLY B 79 -12.23 16.99 2.30
C GLY B 79 -10.95 17.70 2.64
N ASP B 80 -9.83 17.34 2.02
CA ASP B 80 -8.61 18.12 2.19
C ASP B 80 -8.68 19.44 1.43
N LYS B 81 -9.60 19.56 0.48
CA LYS B 81 -9.80 20.78 -0.27
C LYS B 81 -11.04 21.50 0.26
N GLU B 82 -11.06 22.82 0.08
CA GLU B 82 -12.19 23.64 0.50
C GLU B 82 -13.23 23.66 -0.61
N LEU B 83 -14.37 23.03 -0.36
CA LEU B 83 -15.51 23.07 -1.28
C LEU B 83 -16.78 23.14 -0.45
N PRO B 84 -17.25 24.34 -0.13
CA PRO B 84 -18.40 24.46 0.79
C PRO B 84 -19.61 23.67 0.35
N TYR B 85 -19.93 23.68 -0.95
CA TYR B 85 -21.17 23.05 -1.41
C TYR B 85 -21.14 21.53 -1.33
N MET B 86 -19.95 20.93 -1.18
CA MET B 86 -19.86 19.49 -1.06
C MET B 86 -20.15 18.99 0.35
N ASN B 87 -19.95 19.83 1.36
CA ASN B 87 -20.20 19.48 2.75
C ASN B 87 -19.43 18.21 3.14
N PHE B 88 -18.12 18.29 2.97
CA PHE B 88 -17.25 17.17 3.34
C PHE B 88 -17.21 17.00 4.86
N PRO B 89 -17.03 15.78 5.34
CA PRO B 89 -16.89 15.58 6.78
C PRO B 89 -15.49 15.93 7.26
N LYS B 90 -15.40 16.21 8.56
CA LYS B 90 -14.11 16.33 9.21
C LYS B 90 -13.46 14.95 9.29
N GLU B 91 -12.20 14.86 8.87
CA GLU B 91 -11.50 13.58 8.79
C GLU B 91 -10.12 13.69 9.41
N GLU B 92 -9.75 12.67 10.18
CA GLU B 92 -8.42 12.62 10.78
C GLU B 92 -7.35 12.46 9.71
N ASN B 93 -7.56 11.56 8.75
CA ASN B 93 -6.61 11.31 7.68
C ASN B 93 -7.35 11.44 6.35
N PRO B 94 -7.49 12.67 5.83
CA PRO B 94 -8.27 12.85 4.60
C PRO B 94 -7.76 12.01 3.43
N PHE B 95 -6.45 11.80 3.32
CA PHE B 95 -5.92 11.03 2.20
C PHE B 95 -6.30 9.56 2.28
N LEU B 96 -6.73 9.09 3.46
CA LEU B 96 -7.21 7.73 3.64
C LEU B 96 -8.73 7.67 3.80
N GLY B 97 -9.43 8.71 3.34
CA GLY B 97 -10.82 8.87 3.69
C GLY B 97 -11.84 8.85 2.57
N TRP B 98 -12.90 9.63 2.73
CA TRP B 98 -14.06 9.61 1.85
C TRP B 98 -13.84 10.63 0.74
N ARG B 99 -13.35 10.15 -0.40
CA ARG B 99 -12.97 11.05 -1.48
C ARG B 99 -13.09 10.32 -2.82
N ALA B 100 -13.14 11.13 -3.89
CA ALA B 100 -13.05 10.64 -5.27
C ALA B 100 -14.11 9.57 -5.48
N ILE B 101 -13.74 8.38 -5.97
CA ILE B 101 -14.73 7.38 -6.35
C ILE B 101 -15.57 6.96 -5.15
N ARG B 102 -15.00 6.96 -3.96
CA ARG B 102 -15.76 6.60 -2.77
C ARG B 102 -16.92 7.55 -2.54
N LEU B 103 -16.68 8.85 -2.77
CA LEU B 103 -17.76 9.82 -2.72
C LEU B 103 -18.75 9.62 -3.85
N CYS B 104 -18.25 9.36 -5.06
CA CYS B 104 -19.12 9.24 -6.22
C CYS B 104 -20.12 8.11 -6.07
N LEU B 105 -19.65 6.95 -5.59
CA LEU B 105 -20.55 5.82 -5.40
C LEU B 105 -21.54 6.06 -4.27
N ASP B 106 -21.21 6.95 -3.33
CA ASP B 106 -22.16 7.35 -2.31
C ASP B 106 -23.05 8.50 -2.75
N ARG B 107 -22.64 9.26 -3.77
CA ARG B 107 -23.42 10.38 -4.30
C ARG B 107 -23.55 10.20 -5.80
N PRO B 108 -24.32 9.19 -6.23
CA PRO B 108 -24.39 8.87 -7.67
C PRO B 108 -24.94 10.01 -8.51
N ASP B 109 -25.70 10.94 -7.92
CA ASP B 109 -26.20 12.08 -8.68
C ASP B 109 -25.04 12.91 -9.25
N ILE B 110 -23.98 13.09 -8.46
CA ILE B 110 -22.79 13.77 -8.97
C ILE B 110 -22.09 12.90 -10.00
N PHE B 111 -21.95 11.61 -9.71
CA PHE B 111 -21.25 10.70 -10.63
C PHE B 111 -21.94 10.64 -11.97
N LYS B 112 -23.26 10.48 -11.98
CA LYS B 112 -23.98 10.28 -13.24
C LYS B 112 -23.96 11.55 -14.09
N THR B 113 -24.04 12.73 -13.46
CA THR B 113 -23.96 13.97 -14.21
C THR B 113 -22.64 14.03 -14.99
N GLN B 114 -21.53 13.69 -14.34
CA GLN B 114 -20.24 13.74 -15.02
C GLN B 114 -20.13 12.65 -16.08
N LEU B 115 -20.56 11.42 -15.74
CA LEU B 115 -20.52 10.34 -16.72
C LEU B 115 -21.40 10.67 -17.93
N ARG B 116 -22.52 11.35 -17.70
CA ARG B 116 -23.39 11.74 -18.81
C ARG B 116 -22.67 12.71 -19.75
N ALA B 117 -22.00 13.70 -19.18
CA ALA B 117 -21.24 14.65 -20.01
C ALA B 117 -20.12 13.94 -20.75
N ILE B 118 -19.41 13.03 -20.07
CA ILE B 118 -18.32 12.31 -20.72
C ILE B 118 -18.85 11.45 -21.85
N LEU B 119 -19.89 10.65 -21.59
CA LEU B 119 -20.44 9.79 -22.63
C LEU B 119 -20.88 10.60 -23.84
N ARG B 120 -21.57 11.72 -23.62
CA ARG B 120 -21.99 12.56 -24.74
C ARG B 120 -20.78 13.09 -25.51
N ALA B 121 -19.72 13.47 -24.79
CA ALA B 121 -18.52 13.96 -25.46
C ALA B 121 -17.90 12.88 -26.35
N SER B 122 -18.09 11.61 -26.00
CA SER B 122 -17.49 10.53 -26.77
C SER B 122 -18.10 10.37 -28.16
N ALA B 123 -19.27 10.97 -28.40
CA ALA B 123 -19.84 10.96 -29.74
C ALA B 123 -19.05 11.83 -30.70
N TYR B 124 -18.19 12.71 -30.19
CA TYR B 124 -17.47 13.67 -31.02
C TYR B 124 -15.99 13.32 -31.19
N GLY B 125 -15.55 12.18 -30.65
CA GLY B 125 -14.13 11.82 -30.78
C GLY B 125 -13.80 10.55 -30.00
N ASN B 126 -12.53 10.46 -29.62
CA ASN B 126 -11.98 9.27 -28.96
C ASN B 126 -11.88 9.56 -27.47
N VAL B 127 -12.83 9.05 -26.69
CA VAL B 127 -12.92 9.34 -25.27
C VAL B 127 -12.75 8.04 -24.48
N GLN B 128 -12.06 8.14 -23.34
CA GLN B 128 -11.88 7.03 -22.42
C GLN B 128 -12.17 7.53 -21.01
N ILE B 129 -12.82 6.69 -20.21
CA ILE B 129 -13.19 7.02 -18.85
C ILE B 129 -12.19 6.37 -17.90
N MET B 130 -11.78 7.12 -16.87
CA MET B 130 -10.83 6.62 -15.88
C MET B 130 -11.32 6.96 -14.48
N TYR B 131 -11.44 5.93 -13.62
CA TYR B 131 -11.87 6.12 -12.24
C TYR B 131 -10.66 6.35 -11.34
N PRO B 132 -10.68 7.33 -10.44
CA PRO B 132 -9.58 7.49 -9.49
C PRO B 132 -9.84 6.78 -8.17
N MET B 133 -8.75 6.51 -7.45
CA MET B 133 -8.81 6.01 -6.07
C MET B 133 -9.61 4.71 -5.98
N ILE B 134 -9.36 3.80 -6.92
CA ILE B 134 -9.94 2.46 -6.87
C ILE B 134 -9.05 1.58 -6.01
N SER B 135 -9.65 0.88 -5.05
CA SER B 135 -8.92 -0.03 -4.19
C SER B 135 -9.30 -1.49 -4.37
N SER B 136 -10.39 -1.78 -5.07
CA SER B 136 -10.85 -3.15 -5.22
C SER B 136 -11.69 -3.29 -6.47
N VAL B 137 -11.79 -4.54 -6.95
CA VAL B 137 -12.64 -4.83 -8.10
C VAL B 137 -14.10 -4.57 -7.77
N GLU B 138 -14.50 -4.81 -6.52
CA GLU B 138 -15.86 -4.51 -6.11
C GLU B 138 -16.23 -3.06 -6.45
N GLU B 139 -15.29 -2.14 -6.24
CA GLU B 139 -15.57 -0.74 -6.52
C GLU B 139 -15.70 -0.50 -8.02
N VAL B 140 -14.79 -1.08 -8.82
CA VAL B 140 -14.87 -0.91 -10.27
C VAL B 140 -16.21 -1.42 -10.79
N ARG B 141 -16.67 -2.57 -10.27
CA ARG B 141 -17.92 -3.13 -10.72
C ARG B 141 -19.10 -2.26 -10.31
N LYS B 142 -19.05 -1.68 -9.10
CA LYS B 142 -20.09 -0.78 -8.68
C LYS B 142 -20.11 0.48 -9.55
N ALA B 143 -18.93 0.99 -9.92
CA ALA B 143 -18.86 2.17 -10.76
C ALA B 143 -19.32 1.86 -12.18
N ASN B 144 -18.92 0.70 -12.72
CA ASN B 144 -19.35 0.33 -14.07
C ASN B 144 -20.85 0.09 -14.13
N SER B 145 -21.46 -0.42 -13.05
CA SER B 145 -22.91 -0.60 -13.03
C SER B 145 -23.61 0.74 -13.20
N ILE B 146 -23.14 1.77 -12.50
CA ILE B 146 -23.73 3.10 -12.65
C ILE B 146 -23.49 3.62 -14.07
N LEU B 147 -22.30 3.39 -14.61
CA LEU B 147 -22.02 3.80 -15.98
C LEU B 147 -23.02 3.21 -16.96
N GLU B 148 -23.29 1.91 -16.83
CA GLU B 148 -24.25 1.26 -17.73
C GLU B 148 -25.66 1.78 -17.50
N GLU B 149 -26.02 2.10 -16.25
CA GLU B 149 -27.29 2.76 -15.99
C GLU B 149 -27.37 4.08 -16.77
N VAL B 150 -26.27 4.83 -16.81
CA VAL B 150 -26.26 6.09 -17.53
C VAL B 150 -26.35 5.84 -19.03
N LYS B 151 -25.66 4.81 -19.53
CA LYS B 151 -25.79 4.46 -20.94
C LYS B 151 -27.24 4.16 -21.29
N ALA B 152 -27.94 3.42 -20.43
CA ALA B 152 -29.34 3.09 -20.67
C ALA B 152 -30.21 4.34 -20.62
N GLU B 153 -29.89 5.28 -19.74
CA GLU B 153 -30.61 6.55 -19.71
C GLU B 153 -30.46 7.29 -21.03
N LEU B 154 -29.21 7.46 -21.47
CA LEU B 154 -28.96 8.12 -22.75
C LEU B 154 -29.67 7.40 -23.89
N ASP B 155 -29.70 6.06 -23.84
CA ASP B 155 -30.37 5.30 -24.87
C ASP B 155 -31.84 5.69 -24.97
N ARG B 156 -32.56 5.64 -23.85
CA ARG B 156 -33.99 5.92 -23.88
C ARG B 156 -34.29 7.39 -24.11
N GLU B 157 -33.32 8.27 -23.89
CA GLU B 157 -33.47 9.68 -24.22
C GLU B 157 -33.10 9.99 -25.67
N GLY B 158 -32.58 9.02 -26.42
CA GLY B 158 -32.16 9.25 -27.79
C GLY B 158 -30.90 10.07 -27.90
N VAL B 159 -29.95 9.89 -26.99
CA VAL B 159 -28.71 10.64 -26.97
C VAL B 159 -27.56 9.70 -27.33
N LYS B 160 -26.59 10.22 -28.06
CA LYS B 160 -25.54 9.41 -28.66
C LYS B 160 -24.29 9.38 -27.80
N TYR B 161 -23.66 8.22 -27.74
CA TYR B 161 -22.38 8.03 -27.08
C TYR B 161 -21.65 6.91 -27.81
N ASP B 162 -20.34 6.83 -27.58
CA ASP B 162 -19.52 5.78 -28.18
C ASP B 162 -19.76 4.49 -27.41
N LYS B 163 -20.43 3.53 -28.06
CA LYS B 163 -20.75 2.27 -27.39
C LYS B 163 -19.52 1.40 -27.14
N GLU B 164 -18.39 1.71 -27.78
CA GLU B 164 -17.13 1.02 -27.53
C GLU B 164 -16.25 1.77 -26.54
N ILE B 165 -16.81 2.78 -25.85
CA ILE B 165 -16.01 3.65 -24.99
C ILE B 165 -15.22 2.81 -24.00
N LYS B 166 -13.91 3.05 -23.94
CA LYS B 166 -13.04 2.31 -23.05
C LYS B 166 -13.09 2.92 -21.65
N VAL B 167 -13.04 2.05 -20.65
CA VAL B 167 -13.05 2.45 -19.24
C VAL B 167 -11.83 1.86 -18.57
N GLY B 168 -11.10 2.70 -17.83
CA GLY B 168 -9.93 2.26 -17.09
C GLY B 168 -9.91 2.80 -15.69
N ILE B 169 -8.81 2.58 -14.96
CA ILE B 169 -8.69 3.06 -13.60
C ILE B 169 -7.31 3.65 -13.39
N MET B 170 -7.23 4.61 -12.47
CA MET B 170 -5.95 5.03 -11.93
C MET B 170 -5.43 3.97 -10.97
N VAL B 171 -4.16 3.61 -11.11
CA VAL B 171 -3.50 2.71 -10.18
C VAL B 171 -2.70 3.60 -9.23
N GLU B 172 -3.27 3.86 -8.06
CA GLU B 172 -2.59 4.66 -7.03
C GLU B 172 -2.76 4.10 -5.63
N ILE B 173 -3.76 3.28 -5.36
CA ILE B 173 -3.87 2.58 -4.08
C ILE B 173 -3.08 1.29 -4.20
N PRO B 174 -2.26 0.93 -3.20
CA PRO B 174 -1.41 -0.26 -3.37
C PRO B 174 -2.18 -1.53 -3.70
N SER B 175 -3.38 -1.69 -3.14
CA SER B 175 -4.14 -2.91 -3.39
C SER B 175 -4.50 -3.06 -4.85
N ALA B 176 -4.70 -1.95 -5.57
CA ALA B 176 -5.04 -2.03 -6.98
C ALA B 176 -3.89 -2.62 -7.79
N ALA B 177 -2.64 -2.28 -7.44
CA ALA B 177 -1.50 -2.86 -8.14
C ALA B 177 -1.33 -4.32 -7.79
N VAL B 178 -1.53 -4.68 -6.52
CA VAL B 178 -1.33 -6.06 -6.08
C VAL B 178 -2.39 -6.97 -6.67
N THR B 179 -3.57 -6.44 -6.99
CA THR B 179 -4.64 -7.21 -7.62
C THR B 179 -4.89 -6.77 -9.06
N ALA B 180 -3.84 -6.31 -9.73
CA ALA B 180 -3.98 -5.89 -11.12
C ALA B 180 -4.55 -7.02 -11.98
N ASP B 181 -4.09 -8.24 -11.77
CA ASP B 181 -4.60 -9.37 -12.55
C ASP B 181 -6.11 -9.51 -12.42
N ILE B 182 -6.64 -9.29 -11.21
CA ILE B 182 -8.08 -9.33 -11.01
C ILE B 182 -8.74 -8.14 -11.70
N LEU B 183 -8.19 -6.95 -11.48
CA LEU B 183 -8.77 -5.74 -12.04
C LEU B 183 -8.71 -5.74 -13.57
N ALA B 184 -7.65 -6.31 -14.14
CA ALA B 184 -7.50 -6.31 -15.59
C ALA B 184 -8.68 -6.98 -16.30
N LYS B 185 -9.40 -7.86 -15.61
CA LYS B 185 -10.56 -8.51 -16.22
C LYS B 185 -11.75 -7.57 -16.34
N GLU B 186 -11.75 -6.47 -15.61
CA GLU B 186 -12.91 -5.59 -15.53
C GLU B 186 -12.67 -4.21 -16.13
N VAL B 187 -11.45 -3.92 -16.57
CA VAL B 187 -11.10 -2.61 -17.10
C VAL B 187 -10.42 -2.78 -18.44
N ASP B 188 -10.40 -1.70 -19.22
CA ASP B 188 -9.76 -1.71 -20.53
C ASP B 188 -8.31 -1.24 -20.48
N PHE B 189 -7.90 -0.57 -19.42
CA PHE B 189 -6.54 -0.09 -19.31
C PHE B 189 -6.28 0.34 -17.87
N PHE B 190 -4.99 0.48 -17.55
CA PHE B 190 -4.55 1.08 -16.30
C PHE B 190 -3.76 2.35 -16.60
N SER B 191 -3.80 3.28 -15.66
CA SER B 191 -2.91 4.44 -15.69
C SER B 191 -2.28 4.56 -14.30
N ILE B 192 -0.97 4.47 -14.24
CA ILE B 192 -0.26 4.44 -12.97
C ILE B 192 -0.09 5.86 -12.45
N GLY B 193 -0.69 6.15 -11.30
CA GLY B 193 -0.49 7.43 -10.64
C GLY B 193 0.61 7.33 -9.61
N THR B 194 1.86 7.46 -10.06
CA THR B 194 3.00 7.24 -9.18
C THR B 194 3.03 8.23 -8.02
N ASN B 195 2.47 9.43 -8.20
CA ASN B 195 2.51 10.44 -7.16
C ASN B 195 1.87 9.92 -5.87
N ASP B 196 0.62 9.47 -5.96
CA ASP B 196 -0.07 9.00 -4.77
C ASP B 196 0.27 7.54 -4.45
N LEU B 197 0.60 6.74 -5.47
CA LEU B 197 1.03 5.37 -5.22
C LEU B 197 2.25 5.34 -4.31
N THR B 198 3.15 6.30 -4.48
CA THR B 198 4.34 6.36 -3.63
C THR B 198 3.96 6.71 -2.19
N GLN B 199 3.11 7.72 -2.01
CA GLN B 199 2.71 8.12 -0.66
C GLN B 199 2.00 6.99 0.06
N TYR B 200 1.06 6.33 -0.62
CA TYR B 200 0.32 5.24 0.00
C TYR B 200 1.22 4.03 0.23
N THR B 201 2.01 3.65 -0.77
CA THR B 201 2.83 2.45 -0.66
C THR B 201 3.84 2.56 0.47
N LEU B 202 4.44 3.74 0.62
CA LEU B 202 5.41 3.97 1.69
C LEU B 202 4.77 4.52 2.95
N ALA B 203 3.47 4.78 2.94
CA ALA B 203 2.75 5.36 4.08
C ALA B 203 3.39 6.69 4.50
N VAL B 204 3.67 7.53 3.50
CA VAL B 204 4.34 8.81 3.71
C VAL B 204 3.48 9.91 3.10
N ASP B 205 3.12 10.91 3.90
CA ASP B 205 2.49 12.12 3.40
C ASP B 205 3.58 13.01 2.83
N ARG B 206 3.57 13.19 1.50
CA ARG B 206 4.56 14.04 0.86
C ARG B 206 4.56 15.45 1.45
N GLY B 207 3.41 15.90 1.97
CA GLY B 207 3.30 17.21 2.57
C GLY B 207 3.90 17.33 3.95
N ASN B 208 4.44 16.25 4.50
CA ASN B 208 5.00 16.24 5.85
C ASN B 208 6.50 16.46 5.73
N ASP B 209 6.92 17.72 5.94
CA ASP B 209 8.33 18.07 5.77
C ASP B 209 9.23 17.25 6.69
N MET B 210 8.72 16.79 7.83
CA MET B 210 9.55 16.11 8.81
C MET B 210 9.97 14.71 8.36
N ILE B 211 9.26 14.13 7.38
CA ILE B 211 9.58 12.78 6.93
C ILE B 211 9.63 12.71 5.41
N SER B 212 9.71 13.87 4.75
CA SER B 212 9.69 13.88 3.30
C SER B 212 10.94 13.28 2.67
N HIS B 213 11.98 13.00 3.46
CA HIS B 213 13.10 12.24 2.94
C HIS B 213 12.71 10.80 2.64
N LEU B 214 11.58 10.34 3.19
CA LEU B 214 11.12 8.97 2.93
C LEU B 214 10.32 8.86 1.64
N TYR B 215 9.84 9.98 1.09
CA TYR B 215 9.08 9.96 -0.15
C TYR B 215 10.04 9.72 -1.31
N GLN B 216 9.99 8.54 -1.90
CA GLN B 216 10.93 8.15 -2.96
C GLN B 216 10.19 7.36 -4.02
N PRO B 217 9.73 8.02 -5.09
CA PRO B 217 9.02 7.29 -6.15
C PRO B 217 9.88 6.24 -6.83
N MET B 218 11.19 6.49 -6.96
CA MET B 218 12.08 5.54 -7.63
C MET B 218 12.70 4.55 -6.65
N SER B 219 11.89 4.01 -5.75
CA SER B 219 12.32 2.95 -4.85
C SER B 219 12.01 1.59 -5.46
N PRO B 220 12.67 0.53 -5.00
CA PRO B 220 12.32 -0.81 -5.48
C PRO B 220 10.84 -1.13 -5.34
N ALA B 221 10.23 -0.78 -4.20
CA ALA B 221 8.83 -1.12 -3.97
C ALA B 221 7.93 -0.56 -5.06
N ILE B 222 8.08 0.73 -5.37
CA ILE B 222 7.20 1.37 -6.35
C ILE B 222 7.42 0.76 -7.73
N LEU B 223 8.68 0.66 -8.16
CA LEU B 223 8.96 0.11 -9.48
C LEU B 223 8.45 -1.32 -9.61
N ARG B 224 8.39 -2.06 -8.50
CA ARG B 224 7.88 -3.43 -8.56
C ARG B 224 6.37 -3.45 -8.74
N LEU B 225 5.66 -2.51 -8.12
CA LEU B 225 4.22 -2.38 -8.36
C LEU B 225 3.96 -1.95 -9.80
N VAL B 226 4.78 -1.04 -10.33
CA VAL B 226 4.65 -0.64 -11.74
C VAL B 226 4.72 -1.87 -12.64
N LYS B 227 5.78 -2.65 -12.51
CA LYS B 227 5.90 -3.89 -13.27
C LYS B 227 4.66 -4.76 -13.07
N MET B 228 4.22 -4.89 -11.82
CA MET B 228 3.02 -5.67 -11.52
C MET B 228 1.86 -5.26 -12.41
N VAL B 229 1.60 -3.95 -12.50
CA VAL B 229 0.48 -3.46 -13.28
C VAL B 229 0.70 -3.73 -14.76
N ILE B 230 1.91 -3.48 -15.25
CA ILE B 230 2.20 -3.65 -16.68
C ILE B 230 1.99 -5.10 -17.09
N ASP B 231 2.57 -6.03 -16.34
CA ASP B 231 2.45 -7.44 -16.70
C ASP B 231 1.01 -7.90 -16.65
N ALA B 232 0.25 -7.47 -15.63
CA ALA B 232 -1.15 -7.88 -15.52
C ALA B 232 -1.97 -7.36 -16.69
N ALA B 233 -1.76 -6.10 -17.07
CA ALA B 233 -2.47 -5.54 -18.22
C ALA B 233 -2.20 -6.35 -19.47
N HIS B 234 -0.93 -6.68 -19.72
CA HIS B 234 -0.57 -7.36 -20.95
C HIS B 234 -1.09 -8.79 -20.97
N LYS B 235 -1.09 -9.48 -19.83
CA LYS B 235 -1.59 -10.85 -19.86
C LYS B 235 -3.05 -10.89 -20.30
N GLU B 236 -3.80 -9.81 -20.08
CA GLU B 236 -5.19 -9.74 -20.51
C GLU B 236 -5.38 -8.97 -21.81
N GLY B 237 -4.29 -8.59 -22.47
CA GLY B 237 -4.39 -7.86 -23.72
C GLY B 237 -4.73 -6.40 -23.57
N LYS B 238 -4.57 -5.82 -22.39
CA LYS B 238 -4.82 -4.40 -22.15
C LYS B 238 -3.50 -3.64 -22.16
N PHE B 239 -3.59 -2.32 -22.28
CA PHE B 239 -2.40 -1.48 -22.25
C PHE B 239 -2.27 -0.79 -20.91
N ALA B 240 -1.03 -0.49 -20.53
CA ALA B 240 -0.70 0.12 -19.26
C ALA B 240 -0.09 1.49 -19.50
N ALA B 241 -0.65 2.51 -18.86
CA ALA B 241 -0.15 3.87 -18.96
C ALA B 241 0.37 4.34 -17.61
N MET B 242 1.06 5.47 -17.63
CA MET B 242 1.48 6.15 -16.42
C MET B 242 1.30 7.65 -16.62
N CYS B 243 0.49 8.27 -15.78
CA CYS B 243 0.30 9.71 -15.80
C CYS B 243 0.93 10.39 -14.58
N GLY B 244 1.36 9.61 -13.58
CA GLY B 244 2.12 10.20 -12.49
C GLY B 244 3.36 10.91 -12.99
N GLU B 245 3.91 11.76 -12.12
CA GLU B 245 5.05 12.59 -12.52
C GLU B 245 6.26 11.76 -12.92
N MET B 246 6.31 10.47 -12.54
CA MET B 246 7.44 9.64 -12.92
C MET B 246 7.54 9.49 -14.44
N ALA B 247 6.41 9.53 -15.15
CA ALA B 247 6.43 9.32 -16.59
C ALA B 247 7.12 10.46 -17.31
N GLY B 248 7.14 11.65 -16.72
CA GLY B 248 7.85 12.77 -17.28
C GLY B 248 9.27 12.93 -16.77
N ASP B 249 9.71 12.03 -15.90
CA ASP B 249 11.05 12.12 -15.32
C ASP B 249 12.06 11.46 -16.24
N PRO B 250 13.03 12.19 -16.77
CA PRO B 250 13.99 11.55 -17.69
C PRO B 250 14.73 10.38 -17.06
N LEU B 251 14.96 10.41 -15.74
CA LEU B 251 15.66 9.32 -15.08
C LEU B 251 14.89 8.01 -15.16
N ALA B 252 13.55 8.08 -15.16
CA ALA B 252 12.73 6.89 -15.16
C ALA B 252 12.42 6.38 -16.56
N ALA B 253 12.59 7.21 -17.59
CA ALA B 253 12.17 6.85 -18.93
C ALA B 253 12.68 5.48 -19.35
N VAL B 254 13.97 5.22 -19.17
CA VAL B 254 14.56 3.98 -19.66
C VAL B 254 14.02 2.79 -18.86
N ILE B 255 13.83 2.95 -17.55
CA ILE B 255 13.26 1.87 -16.75
C ILE B 255 11.84 1.59 -17.20
N LEU B 256 11.01 2.63 -17.27
CA LEU B 256 9.63 2.45 -17.70
C LEU B 256 9.56 1.80 -19.08
N LEU B 257 10.39 2.29 -20.02
CA LEU B 257 10.45 1.66 -21.34
C LEU B 257 10.83 0.19 -21.23
N GLY B 258 11.83 -0.13 -20.39
CA GLY B 258 12.28 -1.49 -20.27
C GLY B 258 11.24 -2.41 -19.64
N LEU B 259 10.41 -1.86 -18.73
CA LEU B 259 9.35 -2.65 -18.12
C LEU B 259 8.19 -2.92 -19.08
N GLY B 260 8.15 -2.24 -20.22
CA GLY B 260 7.10 -2.46 -21.18
C GLY B 260 5.94 -1.50 -21.10
N LEU B 261 6.08 -0.37 -20.41
CA LEU B 261 5.01 0.61 -20.34
C LEU B 261 4.57 1.03 -21.74
N ASP B 262 3.25 1.08 -21.94
CA ASP B 262 2.72 1.39 -23.26
C ASP B 262 2.56 2.88 -23.51
N GLU B 263 2.25 3.66 -22.48
CA GLU B 263 1.85 5.05 -22.66
C GLU B 263 2.45 5.91 -21.55
N PHE B 264 3.14 6.98 -21.96
CA PHE B 264 3.70 7.97 -21.03
C PHE B 264 2.85 9.22 -21.14
N SER B 265 2.16 9.59 -20.06
CA SER B 265 1.36 10.80 -20.01
C SER B 265 1.99 11.78 -19.03
N MET B 266 2.23 13.00 -19.48
CA MET B 266 3.02 13.96 -18.74
C MET B 266 2.62 15.38 -19.11
N SER B 267 3.08 16.33 -18.31
CA SER B 267 2.99 17.74 -18.70
C SER B 267 3.58 17.91 -20.10
N ALA B 268 2.83 18.59 -20.96
CA ALA B 268 3.17 18.62 -22.38
C ALA B 268 4.61 19.07 -22.63
N THR B 269 5.14 19.98 -21.80
CA THR B 269 6.48 20.48 -22.02
C THR B 269 7.51 19.36 -21.93
N SER B 270 7.22 18.31 -21.16
CA SER B 270 8.18 17.23 -20.96
C SER B 270 8.18 16.21 -22.10
N ILE B 271 7.21 16.28 -23.01
CA ILE B 271 7.10 15.24 -24.04
C ILE B 271 8.32 15.18 -24.92
N PRO B 272 8.84 16.29 -25.47
CA PRO B 272 10.03 16.18 -26.34
C PRO B 272 11.22 15.54 -25.66
N GLU B 273 11.45 15.85 -24.38
CA GLU B 273 12.62 15.31 -23.68
C GLU B 273 12.53 13.79 -23.54
N ILE B 274 11.38 13.28 -23.14
CA ILE B 274 11.21 11.84 -23.03
C ILE B 274 11.27 11.19 -24.41
N LYS B 275 10.65 11.81 -25.40
CA LYS B 275 10.72 11.29 -26.76
C LYS B 275 12.16 11.11 -27.22
N ASN B 276 13.02 12.09 -26.93
CA ASN B 276 14.41 12.00 -27.34
C ASN B 276 15.10 10.82 -26.68
N ILE B 277 14.78 10.55 -25.42
CA ILE B 277 15.40 9.43 -24.72
C ILE B 277 14.96 8.11 -25.34
N ILE B 278 13.65 7.95 -25.56
CA ILE B 278 13.14 6.71 -26.13
C ILE B 278 13.82 6.41 -27.46
N ARG B 279 13.97 7.44 -28.31
CA ARG B 279 14.52 7.23 -29.64
C ARG B 279 16.02 6.98 -29.64
N ASN B 280 16.71 7.21 -28.51
CA ASN B 280 18.16 7.05 -28.44
C ASN B 280 18.57 5.94 -27.49
N VAL B 281 17.66 5.04 -27.14
CA VAL B 281 17.98 3.87 -26.32
C VAL B 281 17.33 2.65 -26.97
N GLU B 282 18.07 1.55 -27.00
CA GLU B 282 17.56 0.31 -27.59
C GLU B 282 16.66 -0.39 -26.57
N TYR B 283 15.49 -0.84 -27.04
CA TYR B 283 14.55 -1.54 -26.17
C TYR B 283 15.23 -2.71 -25.47
N GLU B 284 16.00 -3.50 -26.23
CA GLU B 284 16.69 -4.64 -25.64
C GLU B 284 17.58 -4.19 -24.49
N LYS B 285 18.27 -3.07 -24.65
CA LYS B 285 19.11 -2.55 -23.58
C LYS B 285 18.27 -2.03 -22.43
N ALA B 286 17.12 -1.42 -22.74
CA ALA B 286 16.25 -0.87 -21.70
C ALA B 286 15.74 -1.97 -20.78
N LYS B 287 15.41 -3.13 -21.35
CA LYS B 287 14.94 -4.24 -20.53
C LYS B 287 15.98 -4.66 -19.50
N GLU B 288 17.25 -4.67 -19.89
CA GLU B 288 18.31 -5.07 -18.96
C GLU B 288 18.48 -4.03 -17.86
N ILE B 289 18.40 -2.74 -18.20
CA ILE B 289 18.50 -1.69 -17.20
C ILE B 289 17.34 -1.76 -16.22
N ALA B 290 16.13 -2.02 -16.73
CA ALA B 290 14.97 -2.17 -15.86
C ALA B 290 15.14 -3.37 -14.93
N GLU B 291 15.61 -4.49 -15.48
CA GLU B 291 15.84 -5.68 -14.66
C GLU B 291 16.82 -5.38 -13.53
N LYS B 292 17.92 -4.69 -13.84
CA LYS B 292 18.88 -4.32 -12.81
C LYS B 292 18.24 -3.42 -11.76
N ALA B 293 17.48 -2.41 -12.21
CA ALA B 293 16.88 -1.46 -11.28
C ALA B 293 15.96 -2.16 -10.28
N LEU B 294 15.23 -3.18 -10.73
CA LEU B 294 14.30 -3.90 -9.86
C LEU B 294 15.01 -4.88 -8.94
N ASN B 295 16.23 -5.28 -9.26
CA ASN B 295 17.00 -6.14 -8.38
C ASN B 295 17.75 -5.38 -7.30
N MET B 296 17.72 -4.05 -7.34
CA MET B 296 18.45 -3.22 -6.40
C MET B 296 17.61 -2.94 -5.18
N SER B 297 18.29 -2.51 -4.11
CA SER B 297 17.69 -2.45 -2.78
C SER B 297 17.42 -1.05 -2.27
N GLU B 298 18.08 -0.03 -2.82
CA GLU B 298 17.89 1.34 -2.37
C GLU B 298 17.47 2.23 -3.54
N ALA B 299 16.77 3.33 -3.22
CA ALA B 299 16.50 4.35 -4.21
C ALA B 299 17.76 5.12 -4.60
N ARG B 300 18.81 5.02 -3.78
CA ARG B 300 20.09 5.65 -4.12
C ARG B 300 20.74 4.94 -5.30
N GLU B 301 20.87 3.62 -5.21
CA GLU B 301 21.52 2.86 -6.28
C GLU B 301 20.84 3.12 -7.62
N ILE B 302 19.51 3.12 -7.64
CA ILE B 302 18.77 3.24 -8.89
C ILE B 302 19.01 4.62 -9.51
N GLU B 303 18.75 5.68 -8.75
CA GLU B 303 18.91 7.03 -9.28
C GLU B 303 20.35 7.28 -9.71
N LYS B 304 21.32 6.77 -8.94
CA LYS B 304 22.71 6.90 -9.33
C LYS B 304 22.97 6.22 -10.67
N MET B 305 22.45 5.00 -10.85
CA MET B 305 22.63 4.30 -12.12
C MET B 305 21.96 5.06 -13.26
N MET B 306 20.73 5.52 -13.05
CA MET B 306 19.97 6.16 -14.12
C MET B 306 20.66 7.45 -14.57
N LYS B 307 21.24 8.20 -13.63
CA LYS B 307 21.94 9.43 -14.01
C LYS B 307 23.04 9.14 -15.01
N ASP B 308 23.78 8.05 -14.81
CA ASP B 308 24.81 7.67 -15.78
C ASP B 308 24.19 7.22 -17.08
N VAL B 309 23.04 6.54 -17.02
CA VAL B 309 22.45 5.96 -18.22
C VAL B 309 22.05 7.05 -19.21
N ILE B 310 21.50 8.16 -18.72
CA ILE B 310 21.03 9.22 -19.60
C ILE B 310 22.04 10.33 -19.81
N LYS B 311 23.16 10.32 -19.10
CA LYS B 311 24.29 11.14 -19.53
C LYS B 311 24.98 10.49 -20.72
N ASP B 312 25.04 9.16 -20.71
CA ASP B 312 25.60 8.39 -21.83
C ASP B 312 24.46 8.00 -22.78
N ILE B 313 23.90 9.01 -23.44
CA ILE B 313 22.99 8.77 -24.55
C ILE B 313 23.38 9.68 -25.71
#